data_3MB8
#
_entry.id   3MB8
#
_cell.length_a   159.622
_cell.length_b   159.622
_cell.length_c   53.606
_cell.angle_alpha   90.000
_cell.angle_beta   90.000
_cell.angle_gamma   120.000
#
_symmetry.space_group_name_H-M   'P 6'
#
loop_
_entity.id
_entity.type
_entity.pdbx_description
1 polymer 'Purine nucleoside phosphorylase'
2 non-polymer 1,4-DIDEOXY-4-AZA-1-(S)-(9-DEAZAHYPOXANTHIN-9-YL)-D-RIBITOL
3 non-polymer 'PHOSPHATE ION'
4 non-polymer GLYCEROL
5 water water
#
_entity_poly.entity_id   1
_entity_poly.type   'polypeptide(L)'
_entity_poly.pdbx_seq_one_letter_code
;MPLMQGMEVQPHIRLRKEDVEPVVIIVGDPARTEEVANMCEKKQELAYNREYRSFRVVYDSQPITVISHGIGCPGTSIAI
EELAYLGAKVIIRAGTCGSLKPKTLKQGDVCVTYAAVNETGLISNILPEGFPCVATPHVYQALMDAAKELGIEAASGIGV
TQDYFYQNGILPSKLEMYSKCCDVIDMEMSGVLGLCQARGIATCGILAVDGSPLQWDEGDYDATGVKATTGKENMVKITL
KACANLRRQYKGEFEAYVEQKLISEEDLNSAVDHHHHHH
;
_entity_poly.pdbx_strand_id   A,B
#
loop_
_chem_comp.id
_chem_comp.type
_chem_comp.name
_chem_comp.formula
GOL non-polymer GLYCEROL 'C3 H8 O3'
IMH non-polymer 1,4-DIDEOXY-4-AZA-1-(S)-(9-DEAZAHYPOXANTHIN-9-YL)-D-RIBITOL 'C11 H14 N4 O4'
PO4 non-polymer 'PHOSPHATE ION' 'O4 P -3'
#
# COMPACT_ATOMS: atom_id res chain seq x y z
N LEU A 3 -23.94 22.68 -9.04
CA LEU A 3 -24.29 21.24 -9.04
C LEU A 3 -23.09 20.39 -9.40
N MET A 4 -22.92 19.30 -8.65
CA MET A 4 -21.80 18.37 -8.84
C MET A 4 -22.23 17.12 -9.59
N GLN A 5 -21.27 16.44 -10.21
CA GLN A 5 -21.51 15.12 -10.79
C GLN A 5 -20.43 14.13 -10.35
N GLY A 6 -20.79 12.84 -10.37
CA GLY A 6 -19.83 11.77 -10.14
C GLY A 6 -18.78 11.74 -11.23
N MET A 7 -17.66 11.10 -10.95
CA MET A 7 -16.63 10.94 -11.97
C MET A 7 -16.98 9.76 -12.87
N GLU A 8 -16.60 9.85 -14.14
CA GLU A 8 -16.91 8.76 -15.08
C GLU A 8 -16.19 7.48 -14.67
N VAL A 9 -14.88 7.57 -14.47
CA VAL A 9 -14.12 6.44 -13.97
C VAL A 9 -13.60 6.84 -12.60
N GLN A 10 -13.65 5.89 -11.68
CA GLN A 10 -13.12 6.12 -10.34
C GLN A 10 -11.61 6.41 -10.46
N PRO A 11 -11.11 7.38 -9.68
CA PRO A 11 -9.77 7.93 -9.93
C PRO A 11 -8.56 6.99 -9.72
N HIS A 12 -8.64 6.05 -8.79
CA HIS A 12 -7.46 5.19 -8.55
C HIS A 12 -7.52 3.87 -9.35
N ILE A 13 -8.66 3.17 -9.25
CA ILE A 13 -8.81 1.89 -9.95
C ILE A 13 -9.18 2.06 -11.42
N ARG A 14 -9.67 3.25 -11.78
CA ARG A 14 -9.92 3.62 -13.18
C ARG A 14 -10.94 2.70 -13.86
N LEU A 15 -11.98 2.34 -13.09
CA LEU A 15 -13.10 1.55 -13.58
C LEU A 15 -14.41 2.37 -13.58
N ARG A 16 -15.34 1.93 -14.44
CA ARG A 16 -16.71 2.46 -14.50
C ARG A 16 -17.64 1.38 -13.97
N LYS A 17 -18.88 1.72 -13.65
CA LYS A 17 -19.80 0.76 -13.01
C LYS A 17 -20.02 -0.50 -13.87
N GLU A 18 -20.07 -0.33 -15.19
CA GLU A 18 -20.21 -1.49 -16.09
C GLU A 18 -18.98 -2.44 -16.09
N ASP A 19 -17.86 -1.99 -15.49
CA ASP A 19 -16.65 -2.81 -15.36
C ASP A 19 -16.62 -3.67 -14.09
N VAL A 20 -17.58 -3.47 -13.19
CA VAL A 20 -17.54 -4.08 -11.87
C VAL A 20 -18.72 -5.02 -11.63
N GLU A 21 -18.41 -6.26 -11.25
CA GLU A 21 -19.43 -7.27 -10.95
C GLU A 21 -19.81 -7.18 -9.48
N PRO A 22 -20.98 -7.72 -9.08
CA PRO A 22 -21.30 -7.69 -7.65
C PRO A 22 -20.38 -8.58 -6.78
N VAL A 23 -19.67 -9.52 -7.40
CA VAL A 23 -18.71 -10.35 -6.68
C VAL A 23 -17.27 -10.05 -7.16
N VAL A 24 -16.39 -9.74 -6.21
CA VAL A 24 -15.02 -9.29 -6.51
C VAL A 24 -14.01 -10.12 -5.71
N ILE A 25 -12.99 -10.62 -6.39
CA ILE A 25 -11.83 -11.22 -5.73
C ILE A 25 -10.71 -10.18 -5.69
N ILE A 26 -10.18 -9.87 -4.51
CA ILE A 26 -9.05 -8.92 -4.44
C ILE A 26 -7.79 -9.67 -4.00
N VAL A 27 -6.64 -9.30 -4.58
CA VAL A 27 -5.37 -9.96 -4.28
C VAL A 27 -4.34 -8.86 -4.11
N GLY A 28 -3.27 -9.10 -3.37
CA GLY A 28 -2.29 -8.02 -3.11
C GLY A 28 -1.44 -7.63 -4.32
N ASP A 29 -1.05 -8.66 -5.08
CA ASP A 29 -0.07 -8.54 -6.16
C ASP A 29 -0.75 -8.43 -7.52
N PRO A 30 -0.46 -7.37 -8.29
CA PRO A 30 -0.95 -7.23 -9.68
C PRO A 30 -0.74 -8.52 -10.50
N ALA A 31 0.40 -9.19 -10.31
CA ALA A 31 0.70 -10.40 -11.06
C ALA A 31 -0.30 -11.53 -10.82
N ARG A 32 -0.90 -11.56 -9.62
CA ARG A 32 -1.83 -12.64 -9.31
C ARG A 32 -3.18 -12.48 -10.01
N THR A 33 -3.55 -11.27 -10.41
CA THR A 33 -4.81 -11.08 -11.13
C THR A 33 -4.77 -11.89 -12.43
N GLU A 34 -3.64 -11.87 -13.12
CA GLU A 34 -3.50 -12.63 -14.38
C GLU A 34 -3.51 -14.14 -14.14
N GLU A 35 -2.89 -14.56 -13.04
CA GLU A 35 -2.84 -15.99 -12.66
C GLU A 35 -4.25 -16.51 -12.40
N VAL A 36 -5.05 -15.71 -11.71
CA VAL A 36 -6.47 -16.04 -11.50
C VAL A 36 -7.19 -16.14 -12.84
N ALA A 37 -7.02 -15.10 -13.67
CA ALA A 37 -7.68 -15.01 -14.97
C ALA A 37 -7.32 -16.19 -15.87
N ASN A 38 -6.08 -16.68 -15.77
CA ASN A 38 -5.66 -17.83 -16.58
C ASN A 38 -6.33 -19.15 -16.19
N MET A 39 -6.99 -19.17 -15.03
CA MET A 39 -7.76 -20.35 -14.61
C MET A 39 -9.22 -20.32 -15.08
N CYS A 40 -9.61 -19.27 -15.79
CA CYS A 40 -11.01 -19.08 -16.13
C CYS A 40 -11.31 -19.42 -17.58
N GLU A 41 -12.59 -19.60 -17.89
CA GLU A 41 -13.07 -19.83 -19.25
C GLU A 41 -12.76 -18.64 -20.18
N LYS A 42 -12.96 -17.42 -19.66
CA LYS A 42 -12.81 -16.18 -20.41
C LYS A 42 -12.20 -15.13 -19.49
N LYS A 43 -11.39 -14.24 -20.06
CA LYS A 43 -10.74 -13.16 -19.30
C LYS A 43 -10.69 -11.89 -20.15
N GLN A 44 -10.81 -10.75 -19.48
CA GLN A 44 -10.64 -9.46 -20.12
C GLN A 44 -9.96 -8.49 -19.16
N GLU A 45 -8.75 -8.05 -19.51
CA GLU A 45 -8.08 -7.03 -18.69
C GLU A 45 -8.78 -5.68 -18.90
N LEU A 46 -9.08 -5.01 -17.80
CA LEU A 46 -9.87 -3.79 -17.85
C LEU A 46 -9.02 -2.53 -17.70
N ALA A 47 -8.18 -2.49 -16.66
CA ALA A 47 -7.38 -1.30 -16.34
C ALA A 47 -6.17 -1.71 -15.53
N TYR A 48 -5.15 -0.85 -15.53
CA TYR A 48 -3.98 -1.03 -14.69
C TYR A 48 -3.42 0.36 -14.40
N ASN A 49 -3.73 0.85 -13.20
CA ASN A 49 -3.30 2.15 -12.75
C ASN A 49 -2.71 1.96 -11.37
N ARG A 50 -1.53 2.54 -11.15
CA ARG A 50 -0.80 2.39 -9.88
C ARG A 50 -0.70 0.89 -9.57
N GLU A 51 -1.06 0.48 -8.36
CA GLU A 51 -1.00 -0.94 -7.97
C GLU A 51 -2.31 -1.68 -8.25
N TYR A 52 -3.23 -1.06 -9.00
CA TYR A 52 -4.57 -1.60 -9.19
C TYR A 52 -4.74 -2.15 -10.62
N ARG A 53 -4.59 -3.46 -10.77
CA ARG A 53 -4.79 -4.13 -12.05
C ARG A 53 -6.06 -4.97 -11.98
N SER A 54 -6.95 -4.81 -12.97
CA SER A 54 -8.27 -5.42 -12.90
C SER A 54 -8.60 -6.23 -14.16
N PHE A 55 -9.38 -7.29 -13.96
CA PHE A 55 -9.90 -8.17 -15.02
C PHE A 55 -11.37 -8.43 -14.77
N ARG A 56 -12.12 -8.68 -15.84
CA ARG A 56 -13.36 -9.43 -15.69
C ARG A 56 -13.03 -10.84 -16.12
N VAL A 57 -13.46 -11.81 -15.32
CA VAL A 57 -13.25 -13.20 -15.64
C VAL A 57 -14.59 -13.92 -15.66
N VAL A 58 -14.66 -15.03 -16.38
CA VAL A 58 -15.86 -15.86 -16.38
C VAL A 58 -15.44 -17.23 -15.87
N TYR A 59 -16.03 -17.65 -14.74
CA TYR A 59 -15.75 -18.96 -14.18
C TYR A 59 -17.06 -19.68 -13.90
N ASP A 60 -17.18 -20.89 -14.44
CA ASP A 60 -18.41 -21.68 -14.37
C ASP A 60 -19.59 -20.82 -14.87
N SER A 61 -19.35 -20.11 -15.99
CA SER A 61 -20.33 -19.24 -16.63
C SER A 61 -20.69 -17.97 -15.86
N GLN A 62 -20.00 -17.69 -14.75
CA GLN A 62 -20.31 -16.54 -13.91
C GLN A 62 -19.26 -15.45 -14.08
N PRO A 63 -19.69 -14.18 -14.33
CA PRO A 63 -18.70 -13.11 -14.44
C PRO A 63 -18.30 -12.54 -13.07
N ILE A 64 -17.00 -12.39 -12.86
CA ILE A 64 -16.46 -11.99 -11.56
C ILE A 64 -15.36 -10.98 -11.80
N THR A 65 -15.28 -9.97 -10.94
CA THR A 65 -14.17 -9.02 -11.02
C THR A 65 -12.95 -9.53 -10.25
N VAL A 66 -11.76 -9.34 -10.83
CA VAL A 66 -10.53 -9.65 -10.11
C VAL A 66 -9.63 -8.42 -10.17
N ILE A 67 -9.17 -7.97 -9.02
CA ILE A 67 -8.38 -6.71 -8.96
C ILE A 67 -7.36 -6.78 -7.82
N SER A 68 -6.17 -6.18 -8.02
CA SER A 68 -5.14 -6.10 -7.02
C SER A 68 -5.31 -4.85 -6.18
N HIS A 69 -4.94 -4.97 -4.91
CA HIS A 69 -5.11 -3.90 -3.93
C HIS A 69 -3.79 -3.33 -3.41
N GLY A 70 -2.67 -4.00 -3.68
CA GLY A 70 -1.35 -3.58 -3.19
C GLY A 70 -1.13 -4.00 -1.75
N ILE A 71 0.10 -3.84 -1.27
CA ILE A 71 0.43 -4.22 0.10
C ILE A 71 -0.09 -3.16 1.09
N GLY A 72 -0.89 -3.61 2.06
CA GLY A 72 -1.26 -2.79 3.23
C GLY A 72 -2.68 -2.26 3.16
N CYS A 73 -3.28 -2.03 4.33
CA CYS A 73 -4.66 -1.51 4.42
C CYS A 73 -4.97 -0.17 3.70
N PRO A 74 -4.04 0.82 3.72
CA PRO A 74 -4.39 2.11 3.11
C PRO A 74 -4.65 2.06 1.61
N GLY A 75 -3.75 1.44 0.86
CA GLY A 75 -3.94 1.26 -0.58
C GLY A 75 -5.18 0.41 -0.83
N THR A 76 -5.37 -0.59 0.02
CA THR A 76 -6.53 -1.47 -0.07
C THR A 76 -7.84 -0.70 0.18
N SER A 77 -7.84 0.25 1.12
CA SER A 77 -9.05 1.03 1.44
C SER A 77 -9.58 1.78 0.23
N ILE A 78 -8.68 2.36 -0.54
CA ILE A 78 -9.03 3.03 -1.78
C ILE A 78 -9.75 2.08 -2.77
N ALA A 79 -9.18 0.89 -2.97
CA ALA A 79 -9.77 -0.09 -3.89
C ALA A 79 -11.18 -0.47 -3.42
N ILE A 80 -11.31 -0.80 -2.14
CA ILE A 80 -12.61 -1.19 -1.61
C ILE A 80 -13.64 -0.05 -1.69
N GLU A 81 -13.26 1.15 -1.27
CA GLU A 81 -14.19 2.29 -1.38
C GLU A 81 -14.68 2.51 -2.81
N GLU A 82 -13.76 2.46 -3.76
CA GLU A 82 -14.11 2.73 -5.19
C GLU A 82 -14.90 1.56 -5.81
N LEU A 83 -14.52 0.33 -5.46
CA LEU A 83 -15.33 -0.85 -5.82
C LEU A 83 -16.75 -0.80 -5.26
N ALA A 84 -16.86 -0.38 -3.99
CA ALA A 84 -18.18 -0.26 -3.35
C ALA A 84 -19.05 0.81 -4.03
N TYR A 85 -18.45 1.95 -4.36
CA TYR A 85 -19.16 3.01 -5.10
C TYR A 85 -19.66 2.49 -6.43
N LEU A 86 -18.92 1.57 -7.03
CA LEU A 86 -19.26 1.02 -8.32
C LEU A 86 -20.21 -0.20 -8.29
N GLY A 87 -20.62 -0.62 -7.10
CA GLY A 87 -21.61 -1.69 -6.99
C GLY A 87 -21.14 -3.04 -6.46
N ALA A 88 -19.90 -3.15 -5.99
CA ALA A 88 -19.48 -4.42 -5.37
C ALA A 88 -20.35 -4.78 -4.16
N LYS A 89 -20.78 -6.04 -4.10
CA LYS A 89 -21.62 -6.56 -3.00
C LYS A 89 -20.90 -7.60 -2.16
N VAL A 90 -19.92 -8.28 -2.77
CA VAL A 90 -19.16 -9.34 -2.12
C VAL A 90 -17.68 -9.14 -2.46
N ILE A 91 -16.82 -9.11 -1.44
CA ILE A 91 -15.37 -8.95 -1.66
C ILE A 91 -14.65 -10.02 -0.85
N ILE A 92 -13.85 -10.82 -1.54
CA ILE A 92 -13.04 -11.85 -0.90
C ILE A 92 -11.56 -11.57 -1.17
N ARG A 93 -10.76 -11.49 -0.09
CA ARG A 93 -9.34 -11.33 -0.25
C ARG A 93 -8.68 -12.71 -0.34
N ALA A 94 -7.99 -12.97 -1.45
CA ALA A 94 -7.21 -14.20 -1.59
C ALA A 94 -5.74 -13.83 -1.58
N GLY A 95 -5.09 -13.99 -0.43
CA GLY A 95 -3.76 -13.42 -0.24
C GLY A 95 -2.72 -14.43 0.21
N THR A 96 -1.56 -13.92 0.63
CA THR A 96 -0.57 -14.76 1.26
C THR A 96 -0.37 -14.29 2.69
N CYS A 97 0.27 -15.12 3.49
CA CYS A 97 0.39 -14.84 4.92
C CYS A 97 1.54 -15.64 5.53
N GLY A 98 1.92 -15.26 6.74
CA GLY A 98 2.82 -16.06 7.56
C GLY A 98 2.04 -16.92 8.54
N SER A 99 2.66 -18.03 8.93
CA SER A 99 2.05 -18.92 9.91
C SER A 99 2.57 -18.57 11.29
N LEU A 100 1.66 -18.48 12.25
CA LEU A 100 2.03 -18.35 13.67
C LEU A 100 1.90 -19.68 14.40
N LYS A 101 1.55 -20.73 13.64
CA LYS A 101 1.41 -22.10 14.15
C LYS A 101 2.30 -23.04 13.33
N PRO A 102 3.64 -22.86 13.42
CA PRO A 102 4.55 -23.56 12.50
C PRO A 102 4.54 -25.10 12.59
N LYS A 103 4.01 -25.65 13.69
CA LYS A 103 3.87 -27.10 13.84
C LYS A 103 2.75 -27.68 12.98
N THR A 104 1.71 -26.89 12.71
CA THR A 104 0.53 -27.39 12.03
C THR A 104 0.16 -26.67 10.72
N LEU A 105 0.56 -25.40 10.60
CA LEU A 105 0.34 -24.63 9.37
C LEU A 105 1.68 -24.26 8.74
N LYS A 106 1.96 -24.82 7.56
CA LYS A 106 3.30 -24.75 6.96
C LYS A 106 3.20 -24.20 5.54
N GLN A 107 4.33 -23.92 4.91
CA GLN A 107 4.33 -23.42 3.52
C GLN A 107 3.47 -24.30 2.62
N GLY A 108 2.61 -23.67 1.82
CA GLY A 108 1.71 -24.43 0.96
C GLY A 108 0.34 -24.66 1.55
N ASP A 109 0.18 -24.46 2.86
CA ASP A 109 -1.14 -24.67 3.48
C ASP A 109 -2.05 -23.47 3.24
N VAL A 110 -3.35 -23.72 3.26
CA VAL A 110 -4.33 -22.67 3.04
C VAL A 110 -5.18 -22.50 4.31
N CYS A 111 -5.47 -21.25 4.64
CA CYS A 111 -6.28 -20.95 5.83
C CYS A 111 -7.36 -19.94 5.47
N VAL A 112 -8.60 -20.33 5.76
CA VAL A 112 -9.75 -19.45 5.59
C VAL A 112 -9.87 -18.69 6.90
N THR A 113 -9.72 -17.37 6.82
CA THR A 113 -9.72 -16.54 8.03
C THR A 113 -11.10 -15.91 8.24
N TYR A 114 -11.81 -16.38 9.25
CA TYR A 114 -13.14 -15.84 9.54
C TYR A 114 -13.09 -14.57 10.39
N ALA A 115 -11.90 -14.26 10.89
CA ALA A 115 -11.69 -13.03 11.66
C ALA A 115 -10.21 -12.70 11.69
N ALA A 116 -9.88 -11.48 12.10
CA ALA A 116 -8.49 -11.06 12.24
C ALA A 116 -8.35 -10.07 13.39
N VAL A 117 -7.32 -10.28 14.21
CA VAL A 117 -6.88 -9.27 15.20
C VAL A 117 -6.42 -8.02 14.48
N ASN A 118 -7.01 -6.87 14.81
CA ASN A 118 -6.61 -5.63 14.17
C ASN A 118 -5.47 -4.90 14.85
N GLU A 119 -4.37 -4.69 14.12
CA GLU A 119 -3.33 -3.77 14.57
C GLU A 119 -3.15 -2.61 13.58
N THR A 120 -4.12 -2.40 12.69
CA THR A 120 -4.00 -1.37 11.64
C THR A 120 -4.51 -0.01 12.09
N GLY A 121 -3.88 1.05 11.60
CA GLY A 121 -4.36 2.42 11.84
C GLY A 121 -5.67 2.70 11.13
N LEU A 122 -5.88 2.05 9.99
CA LEU A 122 -7.13 2.20 9.24
C LEU A 122 -8.36 1.91 10.12
N ILE A 123 -8.44 0.68 10.61
CA ILE A 123 -9.59 0.22 11.41
C ILE A 123 -9.67 0.95 12.76
N SER A 124 -8.53 1.29 13.34
CA SER A 124 -8.50 2.01 14.60
C SER A 124 -9.10 3.41 14.48
N ASN A 125 -9.08 3.95 13.28
CA ASN A 125 -9.56 5.32 13.08
C ASN A 125 -10.93 5.44 12.39
N ILE A 126 -11.38 4.41 11.67
CA ILE A 126 -12.65 4.52 10.96
C ILE A 126 -13.80 3.79 11.67
N LEU A 127 -13.46 2.93 12.62
CA LEU A 127 -14.45 2.19 13.38
C LEU A 127 -14.23 2.32 14.88
N PRO A 128 -15.29 2.16 15.69
CA PRO A 128 -15.10 2.30 17.15
C PRO A 128 -14.13 1.26 17.68
N GLU A 129 -13.50 1.57 18.81
CA GLU A 129 -12.59 0.64 19.46
C GLU A 129 -13.40 -0.63 19.78
N GLY A 130 -12.77 -1.78 19.57
CA GLY A 130 -13.39 -3.06 19.90
C GLY A 130 -14.21 -3.68 18.79
N PHE A 131 -14.26 -3.02 17.64
CA PHE A 131 -15.02 -3.53 16.50
C PHE A 131 -14.41 -4.84 15.95
N PRO A 132 -15.24 -5.87 15.78
CA PRO A 132 -14.66 -7.14 15.33
C PRO A 132 -14.45 -7.17 13.81
N CYS A 133 -13.21 -7.39 13.36
CA CYS A 133 -12.93 -7.54 11.93
C CYS A 133 -13.20 -9.00 11.57
N VAL A 134 -14.42 -9.24 11.08
CA VAL A 134 -14.96 -10.59 11.00
C VAL A 134 -15.61 -10.83 9.62
N ALA A 135 -15.59 -12.09 9.18
CA ALA A 135 -16.19 -12.49 7.91
C ALA A 135 -17.70 -12.62 7.99
N THR A 136 -18.36 -12.43 6.86
CA THR A 136 -19.77 -12.72 6.74
C THR A 136 -19.94 -14.25 6.71
N PRO A 137 -20.74 -14.81 7.64
CA PRO A 137 -20.88 -16.26 7.75
C PRO A 137 -21.15 -16.98 6.44
N HIS A 138 -22.06 -16.49 5.60
CA HIS A 138 -22.38 -17.25 4.36
C HIS A 138 -21.25 -17.21 3.34
N VAL A 139 -20.42 -16.16 3.41
CA VAL A 139 -19.23 -16.11 2.56
C VAL A 139 -18.17 -17.08 3.03
N TYR A 140 -17.89 -17.10 4.32
CA TYR A 140 -17.01 -18.14 4.89
C TYR A 140 -17.49 -19.54 4.51
N GLN A 141 -18.80 -19.78 4.65
CA GLN A 141 -19.37 -21.08 4.34
C GLN A 141 -19.18 -21.49 2.88
N ALA A 142 -19.30 -20.51 1.97
CA ALA A 142 -19.09 -20.77 0.55
C ALA A 142 -17.65 -21.21 0.23
N LEU A 143 -16.67 -20.56 0.89
CA LEU A 143 -15.28 -20.95 0.77
C LEU A 143 -15.03 -22.35 1.34
N MET A 144 -15.57 -22.62 2.53
CA MET A 144 -15.30 -23.92 3.13
C MET A 144 -15.97 -25.05 2.34
N ASP A 145 -17.20 -24.79 1.88
CA ASP A 145 -17.96 -25.77 1.08
C ASP A 145 -17.27 -26.04 -0.25
N ALA A 146 -16.71 -25.01 -0.86
CA ALA A 146 -15.92 -25.18 -2.09
C ALA A 146 -14.68 -26.04 -1.85
N ALA A 147 -14.01 -25.80 -0.73
CA ALA A 147 -12.83 -26.57 -0.35
C ALA A 147 -13.19 -28.03 -0.14
N LYS A 148 -14.28 -28.27 0.60
CA LYS A 148 -14.73 -29.63 0.85
C LYS A 148 -15.05 -30.32 -0.48
N GLU A 149 -15.74 -29.61 -1.36
CA GLU A 149 -16.13 -30.20 -2.66
C GLU A 149 -14.89 -30.60 -3.45
N LEU A 150 -13.90 -29.71 -3.50
CA LEU A 150 -12.66 -29.94 -4.24
C LEU A 150 -11.72 -30.95 -3.60
N GLY A 151 -11.97 -31.29 -2.34
CA GLY A 151 -11.11 -32.22 -1.60
C GLY A 151 -9.78 -31.59 -1.23
N ILE A 152 -9.79 -30.27 -1.06
CA ILE A 152 -8.57 -29.53 -0.73
C ILE A 152 -8.65 -29.14 0.73
N GLU A 153 -7.64 -29.51 1.52
CA GLU A 153 -7.66 -29.16 2.95
C GLU A 153 -7.50 -27.65 3.16
N ALA A 154 -8.34 -27.10 4.03
CA ALA A 154 -8.31 -25.68 4.35
C ALA A 154 -8.52 -25.56 5.84
N ALA A 155 -7.56 -24.94 6.52
CA ALA A 155 -7.75 -24.61 7.92
C ALA A 155 -8.77 -23.48 8.06
N SER A 156 -9.37 -23.40 9.25
CA SER A 156 -10.28 -22.30 9.60
C SER A 156 -9.62 -21.61 10.78
N GLY A 157 -9.40 -20.31 10.68
CA GLY A 157 -8.66 -19.66 11.74
C GLY A 157 -8.88 -18.17 11.90
N ILE A 158 -8.24 -17.63 12.92
CA ILE A 158 -8.22 -16.18 13.17
C ILE A 158 -6.81 -15.69 12.82
N GLY A 159 -6.74 -14.64 12.01
CA GLY A 159 -5.45 -14.03 11.68
C GLY A 159 -5.13 -12.83 12.55
N VAL A 160 -3.93 -12.28 12.38
CA VAL A 160 -3.62 -10.94 12.90
C VAL A 160 -3.10 -10.13 11.73
N THR A 161 -3.45 -8.85 11.71
CA THR A 161 -3.04 -7.93 10.65
C THR A 161 -2.20 -6.78 11.21
N GLN A 162 -1.02 -6.56 10.63
CA GLN A 162 -0.15 -5.47 11.05
C GLN A 162 0.13 -4.52 9.90
N ASP A 163 0.60 -3.32 10.24
CA ASP A 163 0.89 -2.29 9.26
C ASP A 163 2.36 -2.33 8.83
N TYR A 164 3.02 -3.48 9.04
CA TYR A 164 4.42 -3.65 8.67
C TYR A 164 4.67 -5.15 8.44
N PHE A 165 5.82 -5.43 7.83
CA PHE A 165 6.22 -6.80 7.48
C PHE A 165 7.42 -7.22 8.34
N TYR A 166 8.48 -6.44 8.26
CA TYR A 166 9.70 -6.65 9.06
C TYR A 166 9.51 -6.34 10.53
N GLN A 167 10.23 -7.10 11.37
CA GLN A 167 10.04 -7.04 12.82
C GLN A 167 11.27 -6.47 13.50
N ASN A 168 12.07 -5.70 12.76
CA ASN A 168 13.22 -4.98 13.34
C ASN A 168 12.78 -4.05 14.45
N GLY A 169 13.38 -4.21 15.64
CA GLY A 169 12.86 -3.54 16.84
C GLY A 169 13.63 -2.43 17.53
N ILE A 170 12.93 -1.30 17.74
CA ILE A 170 13.18 -0.39 18.84
C ILE A 170 12.19 -0.79 19.95
N LEU A 171 10.98 -1.14 19.55
CA LEU A 171 9.98 -1.70 20.45
C LEU A 171 9.87 -3.20 20.23
N PRO A 172 9.58 -3.98 21.29
CA PRO A 172 9.52 -5.45 21.23
C PRO A 172 8.49 -5.96 20.22
N SER A 173 8.85 -7.03 19.51
CA SER A 173 7.92 -7.71 18.61
C SER A 173 6.78 -8.33 19.42
N LYS A 174 5.58 -8.31 18.84
CA LYS A 174 4.40 -8.84 19.51
C LYS A 174 4.01 -10.24 18.99
N LEU A 175 4.81 -10.79 18.09
CA LEU A 175 4.42 -12.03 17.41
C LEU A 175 4.28 -13.22 18.34
N GLU A 176 5.13 -13.31 19.35
CA GLU A 176 5.06 -14.46 20.25
C GLU A 176 3.74 -14.42 20.99
N MET A 177 3.36 -13.24 21.46
CA MET A 177 2.04 -13.07 22.10
C MET A 177 0.89 -13.40 21.12
N TYR A 178 0.93 -12.84 19.92
CA TYR A 178 -0.12 -13.13 18.91
C TYR A 178 -0.25 -14.61 18.62
N SER A 179 0.87 -15.33 18.62
CA SER A 179 0.87 -16.76 18.37
C SER A 179 0.03 -17.56 19.39
N LYS A 180 -0.20 -16.99 20.56
N LYS A 180 -0.20 -16.96 20.56
CA LYS A 180 -0.99 -17.69 21.58
CA LYS A 180 -0.99 -17.58 21.64
C LYS A 180 -2.48 -17.68 21.23
C LYS A 180 -2.49 -17.43 21.45
N CYS A 181 -2.90 -16.72 20.40
CA CYS A 181 -4.34 -16.52 20.13
C CYS A 181 -4.73 -16.38 18.66
N CYS A 182 -3.76 -16.49 17.76
CA CYS A 182 -3.91 -16.32 16.31
C CYS A 182 -3.18 -17.41 15.57
N ASP A 183 -3.65 -17.71 14.37
CA ASP A 183 -3.04 -18.74 13.54
C ASP A 183 -2.13 -18.20 12.43
N VAL A 184 -2.47 -17.04 11.85
CA VAL A 184 -1.72 -16.54 10.70
C VAL A 184 -1.54 -15.03 10.79
N ILE A 185 -0.61 -14.50 10.01
CA ILE A 185 -0.32 -13.07 10.03
C ILE A 185 -0.22 -12.50 8.61
N ASP A 186 -0.85 -11.34 8.39
CA ASP A 186 -0.73 -10.66 7.11
C ASP A 186 -0.86 -9.16 7.32
N MET A 187 -1.05 -8.40 6.24
CA MET A 187 -0.97 -6.95 6.31
C MET A 187 -2.25 -6.25 5.85
N GLU A 188 -3.26 -7.02 5.43
CA GLU A 188 -4.52 -6.40 4.96
C GLU A 188 -5.82 -6.99 5.56
N MET A 189 -5.78 -8.18 6.13
CA MET A 189 -7.05 -8.87 6.39
C MET A 189 -8.03 -8.13 7.31
N SER A 190 -7.55 -7.59 8.43
CA SER A 190 -8.50 -6.97 9.36
C SER A 190 -9.11 -5.73 8.70
N GLY A 191 -8.33 -5.07 7.85
CA GLY A 191 -8.79 -3.89 7.10
C GLY A 191 -9.85 -4.25 6.08
N VAL A 192 -9.62 -5.30 5.31
CA VAL A 192 -10.63 -5.83 4.38
C VAL A 192 -11.95 -6.20 5.11
N LEU A 193 -11.83 -7.08 6.11
CA LEU A 193 -13.03 -7.57 6.81
C LEU A 193 -13.77 -6.41 7.48
N GLY A 194 -13.02 -5.57 8.20
CA GLY A 194 -13.62 -4.46 8.94
C GLY A 194 -14.26 -3.41 8.05
N LEU A 195 -13.55 -2.98 7.01
CA LEU A 195 -14.09 -1.98 6.09
C LEU A 195 -15.29 -2.53 5.29
N CYS A 196 -15.21 -3.78 4.85
CA CYS A 196 -16.35 -4.37 4.14
C CYS A 196 -17.58 -4.45 5.04
N GLN A 197 -17.39 -4.91 6.28
CA GLN A 197 -18.50 -4.88 7.26
C GLN A 197 -19.11 -3.46 7.39
N ALA A 198 -18.25 -2.44 7.43
CA ALA A 198 -18.71 -1.06 7.63
C ALA A 198 -19.51 -0.55 6.44
N ARG A 199 -19.13 -1.00 5.23
CA ARG A 199 -19.78 -0.59 3.98
C ARG A 199 -20.90 -1.54 3.56
N GLY A 200 -21.26 -2.49 4.43
CA GLY A 200 -22.28 -3.49 4.15
C GLY A 200 -21.97 -4.38 2.94
N ILE A 201 -20.70 -4.75 2.80
CA ILE A 201 -20.25 -5.66 1.75
C ILE A 201 -19.99 -7.02 2.40
N ALA A 202 -20.49 -8.09 1.79
CA ALA A 202 -20.29 -9.43 2.38
C ALA A 202 -18.84 -9.80 2.08
N THR A 203 -18.18 -10.46 3.03
CA THR A 203 -16.74 -10.56 2.97
C THR A 203 -16.15 -11.78 3.68
N CYS A 204 -15.00 -12.23 3.20
CA CYS A 204 -14.19 -13.21 3.90
C CYS A 204 -12.76 -13.18 3.35
N GLY A 205 -11.86 -13.89 4.02
CA GLY A 205 -10.48 -13.96 3.55
C GLY A 205 -10.03 -15.40 3.43
N ILE A 206 -9.08 -15.64 2.53
CA ILE A 206 -8.44 -16.95 2.42
C ILE A 206 -6.96 -16.66 2.16
N LEU A 207 -6.08 -17.43 2.78
CA LEU A 207 -4.67 -17.09 2.74
C LEU A 207 -3.80 -18.32 2.55
N ALA A 208 -2.79 -18.20 1.68
CA ALA A 208 -1.81 -19.26 1.47
C ALA A 208 -0.53 -18.92 2.21
N VAL A 209 -0.06 -19.85 3.03
CA VAL A 209 1.15 -19.66 3.85
C VAL A 209 2.45 -19.66 3.04
N ASP A 210 3.31 -18.66 3.26
CA ASP A 210 4.61 -18.58 2.58
C ASP A 210 5.83 -18.69 3.49
N GLY A 211 5.59 -18.91 4.78
CA GLY A 211 6.64 -19.00 5.76
C GLY A 211 6.09 -18.79 7.16
N SER A 212 6.99 -18.67 8.12
CA SER A 212 6.62 -18.40 9.51
C SER A 212 7.58 -17.37 10.07
N PRO A 213 7.06 -16.17 10.39
CA PRO A 213 7.95 -15.12 10.88
C PRO A 213 8.61 -15.43 12.22
N LEU A 214 8.01 -16.32 13.00
CA LEU A 214 8.60 -16.83 14.25
C LEU A 214 9.90 -17.60 13.99
N GLN A 215 10.08 -18.01 12.73
CA GLN A 215 11.23 -18.84 12.31
C GLN A 215 11.95 -18.29 11.08
N TRP A 216 11.73 -17.02 10.76
CA TRP A 216 12.44 -16.38 9.66
C TRP A 216 13.96 -16.46 9.87
N ASP A 217 14.36 -16.36 11.14
CA ASP A 217 15.76 -16.44 11.52
C ASP A 217 16.39 -17.80 11.20
N GLU A 218 15.56 -18.82 10.97
CA GLU A 218 16.05 -20.15 10.58
C GLU A 218 15.69 -20.47 9.13
N GLY A 219 15.37 -19.44 8.36
CA GLY A 219 15.07 -19.54 6.93
C GLY A 219 13.69 -20.07 6.53
N ASP A 220 12.70 -19.98 7.42
CA ASP A 220 11.34 -20.44 7.09
C ASP A 220 10.57 -19.36 6.31
N TYR A 221 10.97 -19.18 5.06
CA TYR A 221 10.28 -18.27 4.15
C TYR A 221 10.65 -18.67 2.72
N ASP A 222 9.63 -18.86 1.87
CA ASP A 222 9.87 -19.18 0.46
C ASP A 222 8.61 -18.85 -0.33
N ALA A 223 8.44 -17.57 -0.66
CA ALA A 223 7.24 -17.10 -1.34
C ALA A 223 7.16 -17.61 -2.78
N THR A 224 8.31 -17.83 -3.42
CA THR A 224 8.34 -18.25 -4.85
C THR A 224 8.46 -19.76 -5.04
N GLY A 225 8.67 -20.49 -3.95
CA GLY A 225 8.91 -21.91 -3.98
C GLY A 225 7.70 -22.72 -4.41
N VAL A 226 7.92 -24.00 -4.70
CA VAL A 226 6.83 -24.85 -5.18
C VAL A 226 5.72 -25.04 -4.15
N LYS A 227 6.07 -25.10 -2.87
CA LYS A 227 5.05 -25.28 -1.84
C LYS A 227 4.09 -24.09 -1.83
N ALA A 228 4.63 -22.88 -1.75
CA ALA A 228 3.82 -21.66 -1.76
C ALA A 228 3.04 -21.50 -3.06
N THR A 229 3.68 -21.82 -4.19
CA THR A 229 3.01 -21.70 -5.49
C THR A 229 1.80 -22.63 -5.58
N THR A 230 1.96 -23.87 -5.10
CA THR A 230 0.86 -24.84 -5.06
C THR A 230 -0.26 -24.41 -4.09
N GLY A 231 0.13 -23.93 -2.91
CA GLY A 231 -0.83 -23.38 -1.95
C GLY A 231 -1.69 -22.29 -2.57
N LYS A 232 -1.06 -21.34 -3.26
CA LYS A 232 -1.81 -20.26 -3.92
C LYS A 232 -2.73 -20.76 -5.01
N GLU A 233 -2.26 -21.73 -5.80
CA GLU A 233 -3.12 -22.37 -6.80
C GLU A 233 -4.33 -22.99 -6.14
N ASN A 234 -4.12 -23.72 -5.04
CA ASN A 234 -5.28 -24.33 -4.33
C ASN A 234 -6.26 -23.27 -3.81
N MET A 235 -5.71 -22.22 -3.20
CA MET A 235 -6.52 -21.11 -2.71
C MET A 235 -7.39 -20.50 -3.82
N VAL A 236 -6.78 -20.33 -4.99
CA VAL A 236 -7.49 -19.73 -6.13
C VAL A 236 -8.61 -20.65 -6.62
N LYS A 237 -8.34 -21.95 -6.70
CA LYS A 237 -9.37 -22.94 -7.04
C LYS A 237 -10.58 -22.83 -6.12
N ILE A 238 -10.33 -22.79 -4.82
CA ILE A 238 -11.41 -22.64 -3.83
C ILE A 238 -12.16 -21.31 -4.01
N THR A 239 -11.41 -20.23 -4.18
CA THR A 239 -11.99 -18.89 -4.28
C THR A 239 -12.88 -18.76 -5.53
N LEU A 240 -12.35 -19.18 -6.68
CA LEU A 240 -13.14 -19.12 -7.92
C LEU A 240 -14.43 -19.94 -7.82
N LYS A 241 -14.35 -21.14 -7.29
CA LYS A 241 -15.54 -21.98 -7.10
C LYS A 241 -16.58 -21.33 -6.19
N ALA A 242 -16.13 -20.81 -5.04
CA ALA A 242 -17.03 -20.14 -4.10
C ALA A 242 -17.66 -18.88 -4.73
N CYS A 243 -16.84 -18.12 -5.46
CA CYS A 243 -17.29 -16.86 -6.08
C CYS A 243 -18.33 -17.09 -7.19
N ALA A 244 -18.17 -18.16 -7.98
CA ALA A 244 -19.17 -18.47 -9.02
C ALA A 244 -20.51 -18.75 -8.34
N ASN A 245 -20.46 -19.53 -7.24
CA ASN A 245 -21.70 -19.84 -6.48
C ASN A 245 -22.34 -18.60 -5.92
N LEU A 246 -21.53 -17.72 -5.32
CA LEU A 246 -22.04 -16.45 -4.81
C LEU A 246 -22.61 -15.56 -5.91
N ARG A 247 -21.94 -15.53 -7.06
CA ARG A 247 -22.27 -14.64 -8.16
C ARG A 247 -23.66 -14.95 -8.70
N ARG A 248 -24.01 -16.23 -8.66
CA ARG A 248 -25.29 -16.71 -9.14
C ARG A 248 -26.50 -16.09 -8.44
N GLN A 249 -26.34 -15.79 -7.15
CA GLN A 249 -27.40 -15.15 -6.38
C GLN A 249 -27.71 -13.69 -6.72
N TYR A 250 -26.93 -13.08 -7.62
CA TYR A 250 -27.16 -11.67 -7.97
C TYR A 250 -27.82 -11.49 -9.33
N LEU B 3 23.79 -22.57 9.59
CA LEU B 3 24.25 -21.20 9.21
C LEU B 3 23.34 -20.60 8.16
N MET B 4 23.03 -19.33 8.33
CA MET B 4 22.12 -18.59 7.45
C MET B 4 22.87 -17.68 6.49
N GLN B 5 22.29 -17.45 5.31
CA GLN B 5 22.82 -16.44 4.40
C GLN B 5 21.76 -15.41 3.98
N GLY B 6 22.22 -14.23 3.58
CA GLY B 6 21.34 -13.20 3.04
C GLY B 6 20.74 -13.64 1.72
N MET B 7 19.63 -13.02 1.34
CA MET B 7 19.03 -13.27 0.03
C MET B 7 19.81 -12.51 -1.05
N GLU B 8 19.89 -13.10 -2.25
CA GLU B 8 20.62 -12.48 -3.35
C GLU B 8 19.97 -11.14 -3.72
N VAL B 9 18.65 -11.19 -3.79
CA VAL B 9 17.81 -10.10 -4.22
C VAL B 9 16.77 -9.95 -3.12
N GLN B 10 16.56 -8.72 -2.65
CA GLN B 10 15.55 -8.47 -1.61
C GLN B 10 14.17 -8.91 -2.12
N PRO B 11 13.35 -9.56 -1.26
CA PRO B 11 12.17 -10.28 -1.79
C PRO B 11 11.04 -9.44 -2.45
N HIS B 12 10.82 -8.21 -1.99
CA HIS B 12 9.75 -7.38 -2.55
C HIS B 12 10.20 -6.40 -3.66
N ILE B 13 11.28 -5.67 -3.41
CA ILE B 13 11.76 -4.71 -4.41
C ILE B 13 12.64 -5.36 -5.45
N ARG B 14 13.12 -6.58 -5.15
CA ARG B 14 13.85 -7.40 -6.13
C ARG B 14 15.12 -6.72 -6.63
N LEU B 15 15.79 -6.03 -5.71
CA LEU B 15 17.10 -5.41 -5.96
C LEU B 15 18.23 -6.07 -5.15
N ARG B 16 19.45 -5.96 -5.70
CA ARG B 16 20.68 -6.34 -5.03
C ARG B 16 21.42 -5.07 -4.64
N LYS B 17 22.46 -5.18 -3.80
CA LYS B 17 23.11 -3.98 -3.27
C LYS B 17 23.74 -3.12 -4.37
N GLU B 18 24.24 -3.73 -5.45
CA GLU B 18 24.80 -2.97 -6.58
C GLU B 18 23.75 -2.17 -7.35
N ASP B 19 22.45 -2.43 -7.11
CA ASP B 19 21.37 -1.72 -7.77
C ASP B 19 20.91 -0.46 -7.03
N VAL B 20 21.44 -0.24 -5.81
CA VAL B 20 20.92 0.80 -4.92
C VAL B 20 22.01 1.83 -4.63
N GLU B 21 21.69 3.10 -4.85
CA GLU B 21 22.59 4.21 -4.57
C GLU B 21 22.35 4.70 -3.14
N PRO B 22 23.33 5.43 -2.56
CA PRO B 22 23.09 5.96 -1.21
C PRO B 22 21.98 7.04 -1.15
N VAL B 23 21.64 7.65 -2.30
CA VAL B 23 20.53 8.59 -2.36
C VAL B 23 19.38 8.00 -3.19
N VAL B 24 18.19 8.01 -2.61
CA VAL B 24 17.03 7.38 -3.22
C VAL B 24 15.86 8.38 -3.26
N ILE B 25 15.21 8.50 -4.40
CA ILE B 25 13.94 9.23 -4.48
C ILE B 25 12.82 8.18 -4.48
N ILE B 26 11.86 8.31 -3.57
CA ILE B 26 10.71 7.38 -3.59
C ILE B 26 9.44 8.13 -3.97
N VAL B 27 8.57 7.49 -4.76
CA VAL B 27 7.33 8.09 -5.24
C VAL B 27 6.23 7.04 -5.08
N GLY B 28 4.97 7.44 -4.91
CA GLY B 28 3.91 6.43 -4.67
C GLY B 28 3.54 5.61 -5.91
N ASP B 29 3.56 6.28 -7.07
CA ASP B 29 3.02 5.72 -8.31
C ASP B 29 4.15 5.11 -9.15
N PRO B 30 4.04 3.82 -9.51
CA PRO B 30 5.03 3.27 -10.43
C PRO B 30 5.22 4.11 -11.68
N ALA B 31 4.19 4.75 -12.22
CA ALA B 31 4.34 5.54 -13.45
C ALA B 31 5.27 6.75 -13.27
N ARG B 32 5.30 7.30 -12.05
CA ARG B 32 6.16 8.47 -11.82
C ARG B 32 7.65 8.16 -11.85
N THR B 33 8.05 6.91 -11.60
CA THR B 33 9.49 6.58 -11.65
C THR B 33 10.04 6.85 -13.06
N GLU B 34 9.24 6.58 -14.09
CA GLU B 34 9.64 6.79 -15.49
C GLU B 34 9.65 8.28 -15.85
N GLU B 35 8.68 9.01 -15.31
CA GLU B 35 8.59 10.46 -15.50
C GLU B 35 9.83 11.15 -14.94
N VAL B 36 10.27 10.68 -13.77
CA VAL B 36 11.51 11.19 -13.16
C VAL B 36 12.70 10.85 -14.07
N ALA B 37 12.80 9.58 -14.43
CA ALA B 37 13.88 9.07 -15.29
C ALA B 37 13.99 9.84 -16.62
N ASN B 38 12.85 10.23 -17.17
CA ASN B 38 12.85 10.96 -18.44
C ASN B 38 13.38 12.40 -18.32
N MET B 39 13.51 12.89 -17.09
CA MET B 39 14.15 14.19 -16.89
C MET B 39 15.67 14.11 -16.69
N CYS B 40 16.24 12.92 -16.81
CA CYS B 40 17.65 12.71 -16.49
C CYS B 40 18.48 12.47 -17.75
N GLU B 41 19.81 12.62 -17.65
CA GLU B 41 20.69 12.36 -18.80
C GLU B 41 20.75 10.88 -19.21
N LYS B 42 20.76 9.99 -18.21
CA LYS B 42 20.81 8.54 -18.42
C LYS B 42 19.80 7.87 -17.50
N LYS B 43 19.19 6.78 -17.96
CA LYS B 43 18.26 6.00 -17.12
C LYS B 43 18.44 4.50 -17.36
N GLN B 44 18.18 3.70 -16.33
CA GLN B 44 18.17 2.27 -16.50
C GLN B 44 17.10 1.69 -15.59
N GLU B 45 16.06 1.08 -16.16
CA GLU B 45 15.07 0.36 -15.34
C GLU B 45 15.71 -0.92 -14.79
N LEU B 46 15.52 -1.16 -13.49
CA LEU B 46 16.18 -2.25 -12.80
C LEU B 46 15.22 -3.41 -12.54
N ALA B 47 14.07 -3.14 -11.92
CA ALA B 47 13.10 -4.18 -11.55
C ALA B 47 11.71 -3.60 -11.47
N TYR B 48 10.72 -4.47 -11.50
CA TYR B 48 9.34 -4.07 -11.34
C TYR B 48 8.63 -5.29 -10.79
N ASN B 49 8.41 -5.28 -9.49
CA ASN B 49 7.72 -6.35 -8.82
C ASN B 49 6.66 -5.74 -7.94
N ARG B 50 5.45 -6.30 -8.00
CA ARG B 50 4.32 -5.76 -7.25
C ARG B 50 4.20 -4.26 -7.57
N GLU B 51 4.16 -3.40 -6.54
CA GLU B 51 4.06 -1.94 -6.75
C GLU B 51 5.43 -1.24 -6.76
N TYR B 52 6.51 -2.02 -6.81
CA TYR B 52 7.87 -1.50 -6.67
C TYR B 52 8.58 -1.52 -8.02
N ARG B 53 8.58 -0.38 -8.69
CA ARG B 53 9.32 -0.21 -9.95
C ARG B 53 10.54 0.66 -9.67
N SER B 54 11.71 0.22 -10.12
CA SER B 54 12.96 0.91 -9.81
C SER B 54 13.81 1.20 -11.04
N PHE B 55 14.53 2.33 -10.96
CA PHE B 55 15.48 2.80 -11.96
C PHE B 55 16.74 3.24 -11.28
N ARG B 56 17.87 3.14 -11.99
CA ARG B 56 19.01 3.98 -11.68
C ARG B 56 18.95 5.12 -12.66
N VAL B 57 19.13 6.34 -12.16
CA VAL B 57 19.15 7.50 -13.04
C VAL B 57 20.46 8.27 -12.83
N VAL B 58 20.82 9.09 -13.83
CA VAL B 58 21.97 9.96 -13.70
C VAL B 58 21.50 11.39 -13.94
N TYR B 59 21.66 12.24 -12.92
CA TYR B 59 21.30 13.63 -13.01
C TYR B 59 22.47 14.48 -12.53
N ASP B 60 22.90 15.43 -13.38
CA ASP B 60 24.06 16.28 -13.08
C ASP B 60 25.26 15.40 -12.77
N SER B 61 25.40 14.30 -13.55
CA SER B 61 26.50 13.36 -13.44
C SER B 61 26.47 12.48 -12.16
N GLN B 62 25.38 12.54 -11.40
CA GLN B 62 25.24 11.78 -10.16
C GLN B 62 24.24 10.64 -10.28
N PRO B 63 24.63 9.41 -9.88
CA PRO B 63 23.69 8.29 -9.96
C PRO B 63 22.77 8.24 -8.76
N ILE B 64 21.47 8.16 -9.01
CA ILE B 64 20.45 8.19 -7.97
C ILE B 64 19.49 7.04 -8.24
N THR B 65 19.02 6.40 -7.17
CA THR B 65 17.94 5.40 -7.28
C THR B 65 16.56 6.06 -7.27
N VAL B 66 15.66 5.58 -8.14
CA VAL B 66 14.26 6.05 -8.11
C VAL B 66 13.36 4.82 -8.06
N ILE B 67 12.47 4.80 -7.07
CA ILE B 67 11.64 3.62 -6.85
C ILE B 67 10.26 4.00 -6.31
N SER B 68 9.23 3.29 -6.78
CA SER B 68 7.87 3.49 -6.30
C SER B 68 7.63 2.64 -5.03
N HIS B 69 6.78 3.17 -4.14
CA HIS B 69 6.51 2.55 -2.84
C HIS B 69 5.05 2.14 -2.67
N GLY B 70 4.18 2.53 -3.61
CA GLY B 70 2.73 2.23 -3.53
C GLY B 70 2.04 3.15 -2.52
N ILE B 71 0.70 3.09 -2.51
CA ILE B 71 -0.09 3.95 -1.63
C ILE B 71 -0.08 3.38 -0.20
N GLY B 72 0.32 4.21 0.76
CA GLY B 72 0.15 3.88 2.17
C GLY B 72 1.43 3.45 2.87
N CYS B 73 1.52 3.72 4.17
CA CYS B 73 2.71 3.36 4.98
C CYS B 73 3.16 1.89 4.98
N PRO B 74 2.22 0.93 5.05
CA PRO B 74 2.65 -0.48 5.11
C PRO B 74 3.50 -0.94 3.93
N GLY B 75 3.02 -0.69 2.70
CA GLY B 75 3.76 -1.08 1.49
C GLY B 75 5.06 -0.28 1.43
N THR B 76 4.99 0.99 1.83
CA THR B 76 6.18 1.85 1.90
C THR B 76 7.22 1.33 2.91
N SER B 77 6.79 0.79 4.04
CA SER B 77 7.73 0.30 5.04
C SER B 77 8.63 -0.82 4.49
N ILE B 78 8.04 -1.67 3.66
CA ILE B 78 8.79 -2.74 3.01
C ILE B 78 9.88 -2.17 2.09
N ALA B 79 9.53 -1.21 1.24
CA ALA B 79 10.53 -0.63 0.32
C ALA B 79 11.67 0.01 1.12
N ILE B 80 11.33 0.77 2.17
CA ILE B 80 12.33 1.46 2.98
C ILE B 80 13.24 0.48 3.73
N GLU B 81 12.65 -0.54 4.37
CA GLU B 81 13.48 -1.57 5.04
C GLU B 81 14.43 -2.28 4.07
N GLU B 82 13.91 -2.65 2.89
CA GLU B 82 14.75 -3.35 1.90
C GLU B 82 15.82 -2.44 1.27
N LEU B 83 15.44 -1.20 0.96
CA LEU B 83 16.43 -0.18 0.54
C LEU B 83 17.49 0.07 1.61
N ALA B 84 17.09 0.17 2.88
CA ALA B 84 18.03 0.38 3.98
C ALA B 84 19.00 -0.78 4.14
N TYR B 85 18.50 -2.01 4.01
CA TYR B 85 19.37 -3.19 4.04
C TYR B 85 20.37 -3.17 2.89
N LEU B 86 19.99 -2.55 1.78
CA LEU B 86 20.89 -2.51 0.61
C LEU B 86 21.84 -1.31 0.59
N GLY B 87 21.76 -0.45 1.62
CA GLY B 87 22.72 0.65 1.75
C GLY B 87 22.18 2.05 1.47
N ALA B 88 20.87 2.22 1.32
CA ALA B 88 20.33 3.59 1.17
C ALA B 88 20.69 4.46 2.38
N LYS B 89 21.11 5.71 2.13
CA LYS B 89 21.51 6.64 3.18
C LYS B 89 20.63 7.90 3.27
N VAL B 90 20.03 8.27 2.15
CA VAL B 90 19.12 9.42 2.06
C VAL B 90 17.90 8.94 1.30
N ILE B 91 16.72 9.18 1.85
CA ILE B 91 15.46 8.84 1.17
C ILE B 91 14.56 10.06 1.20
N ILE B 92 14.16 10.54 0.02
CA ILE B 92 13.21 11.65 -0.11
C ILE B 92 11.94 11.18 -0.81
N ARG B 93 10.81 11.40 -0.16
CA ARG B 93 9.53 11.14 -0.79
C ARG B 93 9.08 12.35 -1.61
N ALA B 94 8.92 12.12 -2.91
CA ALA B 94 8.33 13.11 -3.78
C ALA B 94 6.93 12.65 -4.21
N GLY B 95 5.91 13.15 -3.53
CA GLY B 95 4.56 12.60 -3.68
C GLY B 95 3.52 13.65 -4.03
N THR B 96 2.26 13.26 -3.91
CA THR B 96 1.17 14.21 -4.10
C THR B 96 0.40 14.31 -2.80
N CYS B 97 -0.44 15.33 -2.67
CA CYS B 97 -1.13 15.60 -1.41
C CYS B 97 -2.37 16.48 -1.61
N GLY B 98 -3.23 16.52 -0.60
CA GLY B 98 -4.29 17.50 -0.53
C GLY B 98 -3.87 18.70 0.28
N SER B 99 -4.48 19.85 0.00
CA SER B 99 -4.22 21.05 0.76
C SER B 99 -5.23 21.15 1.90
N LEU B 100 -4.76 21.53 3.08
CA LEU B 100 -5.66 21.89 4.19
C LEU B 100 -5.72 23.41 4.38
N LYS B 101 -5.07 24.13 3.47
CA LYS B 101 -5.09 25.60 3.46
C LYS B 101 -5.52 26.10 2.09
N PRO B 102 -6.79 25.85 1.72
CA PRO B 102 -7.20 26.06 0.33
C PRO B 102 -7.09 27.52 -0.15
N LYS B 103 -6.94 28.45 0.80
CA LYS B 103 -6.74 29.86 0.46
C LYS B 103 -5.37 30.16 -0.11
N THR B 104 -4.35 29.45 0.36
CA THR B 104 -2.96 29.76 0.01
C THR B 104 -2.13 28.60 -0.59
N LEU B 105 -2.62 27.37 -0.47
CA LEU B 105 -2.03 26.22 -1.14
C LEU B 105 -3.08 25.60 -2.03
N LYS B 106 -2.82 25.60 -3.34
CA LYS B 106 -3.83 25.27 -4.32
C LYS B 106 -3.26 24.25 -5.30
N GLN B 107 -4.11 23.65 -6.13
CA GLN B 107 -3.64 22.72 -7.15
C GLN B 107 -2.43 23.29 -7.89
N GLY B 108 -1.38 22.48 -8.04
CA GLY B 108 -0.17 22.96 -8.70
C GLY B 108 0.91 23.45 -7.75
N ASP B 109 0.57 23.77 -6.50
CA ASP B 109 1.56 24.30 -5.56
C ASP B 109 2.40 23.16 -5.01
N VAL B 110 3.62 23.48 -4.60
CA VAL B 110 4.56 22.53 -4.02
C VAL B 110 4.84 22.88 -2.53
N CYS B 111 4.89 21.86 -1.68
CA CYS B 111 5.15 22.06 -0.24
C CYS B 111 6.23 21.07 0.21
N VAL B 112 7.30 21.61 0.78
CA VAL B 112 8.36 20.82 1.38
C VAL B 112 7.91 20.59 2.80
N THR B 113 7.70 19.32 3.16
CA THR B 113 7.19 18.97 4.48
C THR B 113 8.33 18.59 5.41
N TYR B 114 8.60 19.44 6.38
CA TYR B 114 9.67 19.16 7.33
C TYR B 114 9.19 18.31 8.51
N ALA B 115 7.89 18.09 8.58
CA ALA B 115 7.32 17.23 9.63
C ALA B 115 5.93 16.79 9.21
N ALA B 116 5.40 15.78 9.89
CA ALA B 116 4.04 15.35 9.63
C ALA B 116 3.40 14.83 10.92
N VAL B 117 2.16 15.23 11.14
CA VAL B 117 1.31 14.65 12.19
C VAL B 117 1.04 13.18 11.85
N ASN B 118 1.35 12.29 12.79
CA ASN B 118 1.12 10.88 12.54
C ASN B 118 -0.24 10.33 12.93
N GLU B 119 -0.98 9.80 11.96
CA GLU B 119 -2.18 9.03 12.29
C GLU B 119 -2.03 7.57 11.81
N THR B 120 -0.84 7.15 11.44
CA THR B 120 -0.63 5.80 10.88
C THR B 120 -0.43 4.74 11.96
N GLY B 121 -0.87 3.53 11.66
CA GLY B 121 -0.66 2.40 12.54
C GLY B 121 0.79 1.97 12.55
N LEU B 122 1.48 2.21 11.45
CA LEU B 122 2.90 1.89 11.36
C LEU B 122 3.72 2.58 12.46
N ILE B 123 3.66 3.91 12.47
CA ILE B 123 4.47 4.68 13.41
C ILE B 123 3.99 4.48 14.84
N SER B 124 2.68 4.34 15.02
CA SER B 124 2.12 4.07 16.36
C SER B 124 2.60 2.77 16.98
N ASN B 125 3.01 1.83 16.14
CA ASN B 125 3.44 0.53 16.66
C ASN B 125 4.93 0.26 16.67
N ILE B 126 5.70 1.00 15.86
CA ILE B 126 7.14 0.72 15.77
C ILE B 126 8.00 1.73 16.55
N LEU B 127 7.40 2.86 16.93
CA LEU B 127 8.08 3.91 17.65
C LEU B 127 7.30 4.31 18.91
N PRO B 128 8.01 4.86 19.93
CA PRO B 128 7.24 5.23 21.13
C PRO B 128 6.22 6.32 20.85
N GLU B 129 5.19 6.37 21.69
CA GLU B 129 4.19 7.41 21.59
C GLU B 129 4.89 8.77 21.67
N GLY B 130 4.46 9.71 20.81
CA GLY B 130 4.98 11.07 20.85
C GLY B 130 6.23 11.30 20.02
N PHE B 131 6.66 10.27 19.29
CA PHE B 131 7.85 10.38 18.44
C PHE B 131 7.57 11.35 17.30
N PRO B 132 8.48 12.31 17.08
CA PRO B 132 8.23 13.28 16.03
C PRO B 132 8.61 12.74 14.64
N CYS B 133 7.66 12.72 13.71
CA CYS B 133 7.96 12.33 12.32
C CYS B 133 8.46 13.56 11.57
N VAL B 134 9.78 13.73 11.56
CA VAL B 134 10.43 14.98 11.20
C VAL B 134 11.53 14.72 10.18
N ALA B 135 11.74 15.70 9.31
CA ALA B 135 12.80 15.66 8.30
C ALA B 135 14.17 15.94 8.92
N THR B 136 15.21 15.45 8.26
CA THR B 136 16.60 15.74 8.62
C THR B 136 16.91 17.14 8.11
N PRO B 137 17.40 18.02 9.00
CA PRO B 137 17.53 19.43 8.62
C PRO B 137 18.31 19.69 7.32
N HIS B 138 19.44 19.01 7.12
CA HIS B 138 20.27 19.30 5.93
C HIS B 138 19.61 18.80 4.63
N VAL B 139 18.72 17.82 4.76
CA VAL B 139 17.98 17.33 3.59
C VAL B 139 16.88 18.34 3.24
N TYR B 140 16.14 18.82 4.23
CA TYR B 140 15.18 19.91 4.03
C TYR B 140 15.88 21.11 3.37
N GLN B 141 17.07 21.46 3.90
CA GLN B 141 17.80 22.60 3.37
C GLN B 141 18.21 22.41 1.91
N ALA B 142 18.56 21.18 1.52
CA ALA B 142 18.94 20.91 0.13
C ALA B 142 17.77 21.10 -0.83
N LEU B 143 16.59 20.64 -0.41
CA LEU B 143 15.37 20.85 -1.18
C LEU B 143 15.04 22.34 -1.29
N MET B 144 15.11 23.06 -0.17
CA MET B 144 14.77 24.48 -0.22
C MET B 144 15.77 25.28 -1.05
N ASP B 145 17.07 24.96 -0.89
CA ASP B 145 18.13 25.62 -1.64
C ASP B 145 17.99 25.36 -3.14
N ALA B 146 17.57 24.14 -3.51
CA ALA B 146 17.31 23.81 -4.91
C ALA B 146 16.13 24.63 -5.48
N ALA B 147 15.06 24.73 -4.72
CA ALA B 147 13.89 25.50 -5.11
C ALA B 147 14.27 26.96 -5.30
N LYS B 148 15.03 27.51 -4.36
CA LYS B 148 15.45 28.91 -4.46
C LYS B 148 16.29 29.12 -5.73
N GLU B 149 17.28 28.25 -5.93
CA GLU B 149 18.15 28.36 -7.11
C GLU B 149 17.34 28.32 -8.40
N LEU B 150 16.35 27.44 -8.47
CA LEU B 150 15.55 27.25 -9.67
C LEU B 150 14.49 28.32 -9.87
N GLY B 151 14.26 29.13 -8.84
CA GLY B 151 13.23 30.19 -8.90
C GLY B 151 11.83 29.61 -8.84
N ILE B 152 11.71 28.45 -8.20
CA ILE B 152 10.42 27.77 -8.08
C ILE B 152 9.91 27.95 -6.67
N GLU B 153 8.70 28.50 -6.54
CA GLU B 153 8.08 28.73 -5.23
C GLU B 153 7.81 27.40 -4.53
N ALA B 154 8.17 27.31 -3.26
CA ALA B 154 7.95 26.10 -2.49
C ALA B 154 7.59 26.50 -1.08
N ALA B 155 6.39 26.12 -0.66
CA ALA B 155 5.97 26.33 0.72
C ALA B 155 6.78 25.40 1.66
N SER B 156 6.85 25.80 2.93
CA SER B 156 7.49 25.00 3.95
C SER B 156 6.36 24.71 4.94
N GLY B 157 6.11 23.45 5.24
CA GLY B 157 4.92 23.14 6.02
C GLY B 157 5.02 21.89 6.84
N ILE B 158 4.05 21.72 7.72
CA ILE B 158 3.83 20.48 8.44
C ILE B 158 2.61 19.79 7.79
N GLY B 159 2.74 18.50 7.51
CA GLY B 159 1.60 17.74 6.94
C GLY B 159 0.91 16.89 7.99
N VAL B 160 -0.15 16.19 7.58
CA VAL B 160 -0.76 15.14 8.39
C VAL B 160 -0.84 13.91 7.49
N THR B 161 -0.60 12.72 8.06
CA THR B 161 -0.65 11.48 7.31
C THR B 161 -1.72 10.53 7.91
N GLN B 162 -2.60 10.02 7.04
CA GLN B 162 -3.65 9.09 7.47
C GLN B 162 -3.54 7.77 6.74
N ASP B 163 -4.19 6.73 7.28
CA ASP B 163 -4.16 5.40 6.68
C ASP B 163 -5.37 5.20 5.75
N TYR B 164 -5.94 6.28 5.26
CA TYR B 164 -7.09 6.23 4.36
C TYR B 164 -7.17 7.53 3.54
N PHE B 165 -7.96 7.48 2.47
CA PHE B 165 -8.11 8.60 1.53
C PHE B 165 -9.51 9.20 1.68
N TYR B 166 -10.52 8.37 1.48
CA TYR B 166 -11.92 8.78 1.58
C TYR B 166 -12.32 9.02 3.03
N GLN B 167 -13.20 9.99 3.23
CA GLN B 167 -13.62 10.41 4.56
C GLN B 167 -15.09 10.02 4.72
N ASN B 168 -15.36 8.71 4.77
CA ASN B 168 -16.74 8.20 4.89
C ASN B 168 -17.04 7.67 6.29
N GLY B 169 -18.09 8.19 6.91
CA GLY B 169 -18.20 8.22 8.38
C GLY B 169 -19.18 7.42 9.23
N ILE B 170 -18.64 6.43 9.95
CA ILE B 170 -19.19 5.98 11.21
C ILE B 170 -18.71 7.00 12.23
N LEU B 171 -17.41 7.30 12.16
CA LEU B 171 -16.78 8.24 13.07
C LEU B 171 -16.56 9.57 12.36
N PRO B 172 -16.63 10.69 13.11
CA PRO B 172 -16.44 12.05 12.59
C PRO B 172 -15.09 12.25 11.89
N SER B 173 -15.08 12.96 10.77
CA SER B 173 -13.84 13.33 10.08
C SER B 173 -13.02 14.27 10.96
N LYS B 174 -11.69 14.17 10.88
CA LYS B 174 -10.81 14.97 11.73
C LYS B 174 -10.14 16.11 10.92
N LEU B 175 -10.51 16.23 9.65
CA LEU B 175 -9.79 17.15 8.76
C LEU B 175 -9.92 18.61 9.16
N GLU B 176 -11.06 18.99 9.72
CA GLU B 176 -11.28 20.37 10.13
C GLU B 176 -10.31 20.73 11.25
N MET B 177 -10.23 19.85 12.24
CA MET B 177 -9.25 20.04 13.30
C MET B 177 -7.81 20.07 12.77
N TYR B 178 -7.45 19.09 11.94
CA TYR B 178 -6.09 19.04 11.38
C TYR B 178 -5.72 20.34 10.66
N SER B 179 -6.70 20.93 9.96
CA SER B 179 -6.50 22.18 9.22
C SER B 179 -6.08 23.37 10.10
N LYS B 180 -6.30 23.23 11.40
N LYS B 180 -6.31 23.26 11.41
CA LYS B 180 -5.97 24.28 12.38
CA LYS B 180 -5.93 24.34 12.33
C LYS B 180 -4.54 24.18 12.88
C LYS B 180 -4.43 24.33 12.60
N CYS B 181 -3.79 23.18 12.41
CA CYS B 181 -2.41 23.00 12.84
C CYS B 181 -1.46 22.40 11.82
N CYS B 182 -1.97 22.06 10.64
CA CYS B 182 -1.07 21.71 9.55
C CYS B 182 -1.57 22.08 8.15
N ASP B 183 -0.70 21.90 7.16
CA ASP B 183 -0.87 22.51 5.85
C ASP B 183 -1.38 21.57 4.76
N VAL B 184 -0.96 20.31 4.82
CA VAL B 184 -1.22 19.36 3.74
C VAL B 184 -1.51 17.97 4.31
N ILE B 185 -2.09 17.11 3.49
CA ILE B 185 -2.52 15.79 3.93
C ILE B 185 -2.13 14.74 2.89
N ASP B 186 -1.54 13.65 3.35
CA ASP B 186 -1.24 12.56 2.45
C ASP B 186 -1.30 11.26 3.24
N MET B 187 -0.82 10.18 2.64
CA MET B 187 -1.01 8.85 3.21
C MET B 187 0.29 8.14 3.54
N GLU B 188 1.42 8.78 3.24
CA GLU B 188 2.73 8.14 3.57
C GLU B 188 3.73 8.98 4.38
N MET B 189 3.58 10.30 4.42
CA MET B 189 4.73 11.11 4.88
C MET B 189 5.23 10.81 6.31
N SER B 190 4.35 10.69 7.30
CA SER B 190 4.84 10.48 8.67
C SER B 190 5.56 9.13 8.77
N GLY B 191 5.08 8.16 7.99
CA GLY B 191 5.68 6.83 7.95
C GLY B 191 7.09 6.88 7.40
N VAL B 192 7.24 7.54 6.25
CA VAL B 192 8.56 7.76 5.65
C VAL B 192 9.51 8.50 6.62
N LEU B 193 9.11 9.68 7.10
CA LEU B 193 10.01 10.46 7.98
C LEU B 193 10.34 9.69 9.24
N GLY B 194 9.30 9.12 9.88
CA GLY B 194 9.49 8.40 11.14
C GLY B 194 10.38 7.17 11.01
N LEU B 195 10.10 6.32 10.03
CA LEU B 195 10.86 5.08 9.85
C LEU B 195 12.29 5.37 9.41
N CYS B 196 12.47 6.37 8.53
CA CYS B 196 13.82 6.77 8.17
C CYS B 196 14.62 7.26 9.39
N GLN B 197 14.02 8.12 10.21
CA GLN B 197 14.67 8.55 11.46
C GLN B 197 15.07 7.35 12.32
N ALA B 198 14.13 6.39 12.45
CA ALA B 198 14.37 5.19 13.26
C ALA B 198 15.52 4.34 12.72
N ARG B 199 15.66 4.29 11.39
CA ARG B 199 16.71 3.50 10.73
C ARG B 199 18.01 4.28 10.47
N GLY B 200 18.08 5.52 10.96
CA GLY B 200 19.23 6.40 10.73
C GLY B 200 19.45 6.78 9.27
N ILE B 201 18.36 6.94 8.52
CA ILE B 201 18.43 7.37 7.14
C ILE B 201 18.02 8.85 7.06
N ALA B 202 18.80 9.68 6.37
CA ALA B 202 18.46 11.12 6.31
C ALA B 202 17.28 11.29 5.36
N THR B 203 16.34 12.16 5.70
CA THR B 203 15.05 12.13 5.03
C THR B 203 14.36 13.49 4.96
N CYS B 204 13.52 13.66 3.95
CA CYS B 204 12.60 14.78 3.89
C CYS B 204 11.50 14.42 2.92
N GLY B 205 10.46 15.25 2.86
CA GLY B 205 9.37 15.06 1.92
C GLY B 205 9.08 16.31 1.14
N ILE B 206 8.57 16.13 -0.06
CA ILE B 206 8.12 17.25 -0.86
C ILE B 206 6.86 16.78 -1.57
N LEU B 207 5.85 17.63 -1.62
CA LEU B 207 4.55 17.22 -2.11
C LEU B 207 3.93 18.23 -3.06
N ALA B 208 3.30 17.73 -4.12
CA ALA B 208 2.54 18.57 -5.03
C ALA B 208 1.04 18.38 -4.78
N VAL B 209 0.35 19.50 -4.63
CA VAL B 209 -1.08 19.57 -4.31
C VAL B 209 -1.97 19.17 -5.50
N ASP B 210 -2.93 18.25 -5.27
CA ASP B 210 -3.87 17.85 -6.32
C ASP B 210 -5.34 18.21 -6.04
N GLY B 211 -5.57 18.88 -4.92
CA GLY B 211 -6.92 19.23 -4.49
C GLY B 211 -6.94 19.61 -3.04
N SER B 212 -8.15 19.79 -2.50
CA SER B 212 -8.35 20.05 -1.09
C SER B 212 -9.55 19.21 -0.61
N PRO B 213 -9.29 18.22 0.27
CA PRO B 213 -10.39 17.38 0.75
C PRO B 213 -11.46 18.11 1.55
N LEU B 214 -11.13 19.29 2.10
CA LEU B 214 -12.11 20.16 2.76
C LEU B 214 -13.13 20.70 1.75
N GLN B 215 -12.77 20.64 0.46
CA GLN B 215 -13.57 21.15 -0.64
C GLN B 215 -13.81 20.15 -1.78
N TRP B 216 -13.60 18.86 -1.51
CA TRP B 216 -13.92 17.81 -2.49
C TRP B 216 -15.40 17.86 -2.89
N ASP B 217 -16.25 18.21 -1.94
CA ASP B 217 -17.69 18.36 -2.16
C ASP B 217 -18.03 19.47 -3.16
N GLU B 218 -17.06 20.34 -3.41
CA GLU B 218 -17.23 21.43 -4.36
C GLU B 218 -16.37 21.17 -5.60
N GLY B 219 -15.88 19.94 -5.72
CA GLY B 219 -15.07 19.52 -6.87
C GLY B 219 -13.62 19.99 -6.91
N ASP B 220 -13.04 20.28 -5.75
CA ASP B 220 -11.61 20.70 -5.71
C ASP B 220 -10.67 19.49 -5.70
N TYR B 221 -10.55 18.86 -6.85
CA TYR B 221 -9.66 17.71 -7.04
C TYR B 221 -9.44 17.57 -8.53
N ASP B 222 -8.18 17.47 -8.93
CA ASP B 222 -7.83 17.26 -10.32
C ASP B 222 -6.39 16.79 -10.40
N ALA B 223 -6.18 15.50 -10.13
CA ALA B 223 -4.84 14.94 -10.13
C ALA B 223 -4.22 14.84 -11.51
N THR B 224 -5.04 14.68 -12.56
CA THR B 224 -4.53 14.56 -13.94
C THR B 224 -4.40 15.88 -14.68
N GLY B 225 -4.95 16.95 -14.10
CA GLY B 225 -5.03 18.23 -14.78
C GLY B 225 -3.70 18.94 -14.97
N VAL B 226 -3.70 20.01 -15.75
CA VAL B 226 -2.45 20.73 -16.05
C VAL B 226 -1.81 21.33 -14.79
N LYS B 227 -2.63 21.86 -13.87
CA LYS B 227 -2.09 22.46 -12.64
C LYS B 227 -1.31 21.41 -11.85
N ALA B 228 -1.96 20.30 -11.53
CA ALA B 228 -1.28 19.19 -10.81
C ALA B 228 -0.07 18.67 -11.58
N THR B 229 -0.20 18.54 -12.90
CA THR B 229 0.90 18.00 -13.71
C THR B 229 2.13 18.92 -13.67
N THR B 230 1.88 20.22 -13.67
CA THR B 230 2.96 21.22 -13.62
C THR B 230 3.63 21.25 -12.24
N GLY B 231 2.80 21.24 -11.20
CA GLY B 231 3.30 21.11 -9.81
C GLY B 231 4.22 19.91 -9.62
N LYS B 232 3.81 18.75 -10.14
CA LYS B 232 4.62 17.54 -10.05
C LYS B 232 5.93 17.69 -10.81
N GLU B 233 5.87 18.29 -11.99
CA GLU B 233 7.09 18.57 -12.77
C GLU B 233 8.04 19.46 -11.97
N ASN B 234 7.52 20.54 -11.38
CA ASN B 234 8.32 21.43 -10.52
C ASN B 234 8.95 20.71 -9.33
N MET B 235 8.14 19.89 -8.65
CA MET B 235 8.62 19.08 -7.54
C MET B 235 9.78 18.17 -7.95
N VAL B 236 9.64 17.54 -9.11
CA VAL B 236 10.68 16.64 -9.60
C VAL B 236 11.98 17.39 -9.90
N LYS B 237 11.87 18.58 -10.48
CA LYS B 237 13.04 19.43 -10.78
C LYS B 237 13.80 19.79 -9.51
N ILE B 238 13.07 20.16 -8.46
CA ILE B 238 13.68 20.48 -7.16
C ILE B 238 14.36 19.24 -6.55
N THR B 239 13.65 18.13 -6.55
CA THR B 239 14.11 16.88 -5.93
C THR B 239 15.40 16.39 -6.60
N LEU B 240 15.39 16.38 -7.94
CA LEU B 240 16.56 15.90 -8.69
C LEU B 240 17.80 16.78 -8.46
N LYS B 241 17.60 18.09 -8.45
CA LYS B 241 18.69 19.03 -8.16
C LYS B 241 19.25 18.77 -6.75
N ALA B 242 18.36 18.68 -5.76
CA ALA B 242 18.77 18.46 -4.37
C ALA B 242 19.49 17.11 -4.19
N CYS B 243 18.99 16.06 -4.86
CA CYS B 243 19.55 14.72 -4.75
C CYS B 243 20.93 14.59 -5.38
N ALA B 244 21.17 15.24 -6.52
CA ALA B 244 22.52 15.23 -7.12
C ALA B 244 23.51 15.90 -6.14
N ASN B 245 23.10 17.03 -5.53
CA ASN B 245 23.94 17.67 -4.50
C ASN B 245 24.24 16.78 -3.31
N LEU B 246 23.21 16.11 -2.78
CA LEU B 246 23.42 15.17 -1.67
C LEU B 246 24.29 13.99 -2.09
N ARG B 247 24.06 13.48 -3.30
CA ARG B 247 24.74 12.29 -3.80
C ARG B 247 26.25 12.51 -3.86
N ARG B 248 26.64 13.74 -4.15
CA ARG B 248 28.07 14.07 -4.22
C ARG B 248 28.85 13.83 -2.95
N GLN B 249 28.17 13.97 -1.81
CA GLN B 249 28.78 13.79 -0.50
C GLN B 249 29.14 12.33 -0.16
N TYR B 250 28.70 11.38 -0.99
CA TYR B 250 28.93 9.96 -0.70
C TYR B 250 30.03 9.34 -1.56
O5' IMH C . 4.59 -10.19 1.26
C5' IMH C . 3.81 -9.27 2.00
C4' IMH C . 2.41 -9.29 1.39
N4' IMH C . 1.89 -10.64 1.53
C3' IMH C . 1.47 -8.49 2.27
O3' IMH C . 0.32 -8.18 1.44
C2' IMH C . 1.05 -9.43 3.39
O2' IMH C . -0.34 -9.25 3.65
C1' IMH C . 1.33 -10.85 2.85
C9 IMH C . 2.23 -11.67 3.70
C8 IMH C . 2.72 -12.89 3.30
N7 IMH C . 3.47 -13.39 4.31
C5 IMH C . 3.51 -12.56 5.38
C6 IMH C . 4.14 -12.55 6.72
O6 IMH C . 4.88 -13.61 7.09
N1 IMH C . 3.95 -11.47 7.54
C2 IMH C . 3.17 -10.43 7.17
N3 IMH C . 2.56 -10.36 5.97
C4 IMH C . 2.70 -11.38 5.08
P PO4 D . -0.67 -10.78 -0.96
O1 PO4 D . -1.99 -10.92 -1.65
O2 PO4 D . -0.77 -11.08 0.50
O3 PO4 D . -0.16 -9.34 -1.04
O4 PO4 D . 0.33 -11.68 -1.65
C1 GOL E . -11.97 -0.08 -18.34
O1 GOL E . -12.26 -0.92 -19.43
C2 GOL E . -12.31 1.37 -18.69
O2 GOL E . -13.70 1.55 -18.47
C3 GOL E . -11.56 2.35 -17.80
O3 GOL E . -10.17 2.37 -18.05
C1 GOL F . -4.85 8.66 -10.12
O1 GOL F . -3.76 7.84 -9.75
C2 GOL F . -5.02 9.91 -9.27
O2 GOL F . -6.38 10.10 -8.97
C3 GOL F . -4.19 9.94 -7.99
O3 GOL F . -2.91 10.37 -8.34
O5' IMH G . -4.00 9.54 -4.44
C5' IMH G . -3.59 9.07 -3.16
C4' IMH G . -2.06 9.02 -3.16
N4' IMH G . -1.56 10.38 -3.31
C3' IMH G . -1.61 8.63 -1.77
O3' IMH G . -0.28 8.11 -1.93
C2' IMH G . -1.56 9.93 -0.98
O2' IMH G . -0.38 10.00 -0.18
C1' IMH G . -1.52 11.06 -2.03
C9 IMH G . -2.62 12.06 -1.95
C8 IMH G . -2.84 13.02 -2.93
N7 IMH G . -3.90 13.79 -2.52
C5 IMH G . -4.39 13.37 -1.33
C6 IMH G . -5.46 13.79 -0.42
O6 IMH G . -6.22 14.85 -0.77
N1 IMH G . -5.67 13.10 0.74
C2 IMH G . -4.87 12.06 1.08
N3 IMH G . -3.86 11.60 0.32
C4 IMH G . -3.59 12.25 -0.86
P PO4 H . 1.77 9.72 -4.52
O1 PO4 H . 1.19 10.23 -5.79
O2 PO4 H . 1.19 8.31 -4.23
O3 PO4 H . 1.35 10.57 -3.36
O4 PO4 H . 3.26 9.67 -4.60
C1 GOL I . 17.04 -8.35 -10.56
O1 GOL I . 15.67 -8.20 -10.23
C2 GOL I . 17.76 -7.00 -10.61
O2 GOL I . 18.99 -7.08 -9.93
C3 GOL I . 18.02 -6.63 -12.07
O3 GOL I . 18.54 -5.31 -12.13
C1 GOL J . 6.05 -11.82 -1.67
O1 GOL J . 5.04 -12.58 -2.26
C2 GOL J . 7.34 -12.17 -2.39
O2 GOL J . 8.44 -11.63 -1.69
C3 GOL J . 7.32 -11.74 -3.86
O3 GOL J . 6.60 -10.55 -4.08
#